data_2GTU
#
_entry.id   2GTU
#
_cell.length_a   53.909
_cell.length_b   81.479
_cell.length_c   55.621
_cell.angle_alpha   90.00
_cell.angle_beta   109.26
_cell.angle_gamma   90.00
#
_symmetry.space_group_name_H-M   'P 1 21 1'
#
loop_
_entity.id
_entity.type
_entity.pdbx_description
1 polymer 'GLUTATHIONE S-TRANSFERASE'
2 water water
#
_entity_poly.entity_id   1
_entity_poly.type   'polypeptide(L)'
_entity_poly.pdbx_seq_one_letter_code
;PMTLGYWNIRGLAHSIRLLLEYTDSSYEEKKYTMGDAPDYDRSQWLNEKFKLGLDFPNLPYLIDGTHKITQSNAILRYIA
RKHNLCGESEKEQIREDILENQFMDSRMQLAKLCYDPDFEKLKPEYLQALPEMLKLYSQFLGKQPWFLGDKITFVDFIAY
DVLERNQVFEPSCLDAFPNLKDFISRFEGLEKISAYMKSSRFLPRPVFTKMAVWGNK
;
_entity_poly.pdbx_strand_id   A,B
#
# COMPACT_ATOMS: atom_id res chain seq x y z
N PRO A 1 -0.78 -28.99 -0.54
CA PRO A 1 -0.63 -27.94 0.47
C PRO A 1 -1.06 -26.52 -0.02
N MET A 2 -0.38 -25.49 0.45
CA MET A 2 -0.65 -24.13 0.00
C MET A 2 -0.18 -23.97 -1.43
N THR A 3 -0.69 -22.93 -2.10
CA THR A 3 -0.26 -22.64 -3.45
C THR A 3 0.14 -21.18 -3.56
N LEU A 4 1.31 -20.95 -4.11
CA LEU A 4 1.81 -19.60 -4.34
C LEU A 4 1.94 -19.45 -5.85
N GLY A 5 1.12 -18.58 -6.41
CA GLY A 5 1.18 -18.34 -7.83
C GLY A 5 1.80 -16.99 -8.05
N TYR A 6 2.72 -16.92 -9.00
CA TYR A 6 3.44 -15.70 -9.33
C TYR A 6 4.28 -15.94 -10.59
N TRP A 7 4.85 -14.88 -11.16
CA TRP A 7 5.74 -15.02 -12.30
C TRP A 7 7.00 -15.74 -11.83
N ASN A 8 7.75 -16.29 -12.78
CA ASN A 8 9.03 -16.94 -12.49
C ASN A 8 10.11 -15.88 -12.21
N ILE A 9 9.78 -14.94 -11.34
CA ILE A 9 10.56 -13.75 -11.12
C ILE A 9 10.74 -13.71 -9.59
N ARG A 10 11.63 -12.86 -9.10
CA ARG A 10 11.76 -12.58 -7.67
C ARG A 10 10.60 -11.66 -7.27
N GLY A 11 10.59 -10.46 -7.85
CA GLY A 11 9.53 -9.48 -7.63
C GLY A 11 8.84 -9.43 -6.27
N LEU A 12 7.51 -9.37 -6.30
CA LEU A 12 6.69 -9.26 -5.08
C LEU A 12 6.50 -10.55 -4.31
N ALA A 13 7.02 -11.66 -4.83
CA ALA A 13 6.86 -12.94 -4.17
C ALA A 13 8.07 -13.26 -3.30
N HIS A 14 9.18 -12.56 -3.49
CA HIS A 14 10.40 -12.83 -2.72
C HIS A 14 10.18 -12.97 -1.22
N SER A 15 9.69 -11.92 -0.58
CA SER A 15 9.50 -11.94 0.88
C SER A 15 8.44 -12.93 1.36
N ILE A 16 7.54 -13.34 0.48
CA ILE A 16 6.51 -14.31 0.82
C ILE A 16 7.16 -15.68 0.87
N ARG A 17 7.94 -16.00 -0.16
CA ARG A 17 8.65 -17.28 -0.25
C ARG A 17 9.53 -17.46 0.97
N LEU A 18 10.30 -16.43 1.30
CA LEU A 18 11.17 -16.46 2.47
C LEU A 18 10.38 -16.75 3.73
N LEU A 19 9.27 -16.04 3.92
CA LEU A 19 8.43 -16.21 5.10
C LEU A 19 7.80 -17.59 5.15
N LEU A 20 7.51 -18.18 3.99
CA LEU A 20 6.95 -19.53 3.95
C LEU A 20 8.02 -20.55 4.34
N GLU A 21 9.23 -20.36 3.84
CA GLU A 21 10.37 -21.21 4.17
C GLU A 21 10.73 -21.13 5.64
N TYR A 22 10.81 -19.91 6.15
CA TYR A 22 11.14 -19.66 7.55
C TYR A 22 10.13 -20.31 8.51
N THR A 23 8.85 -20.18 8.18
CA THR A 23 7.79 -20.73 9.02
C THR A 23 7.56 -22.24 8.84
N ASP A 24 8.39 -22.84 7.99
CA ASP A 24 8.32 -24.28 7.68
C ASP A 24 7.03 -24.64 6.94
N SER A 25 6.43 -23.65 6.30
CA SER A 25 5.20 -23.85 5.55
C SER A 25 5.41 -24.82 4.38
N SER A 26 4.41 -25.66 4.15
CA SER A 26 4.42 -26.58 3.03
C SER A 26 3.58 -25.96 1.93
N TYR A 27 4.16 -25.85 0.74
CA TYR A 27 3.46 -25.17 -0.34
C TYR A 27 3.97 -25.58 -1.71
N GLU A 28 3.18 -25.27 -2.73
CA GLU A 28 3.54 -25.51 -4.11
C GLU A 28 3.57 -24.18 -4.81
N GLU A 29 4.46 -24.06 -5.79
CA GLU A 29 4.59 -22.80 -6.50
C GLU A 29 4.11 -22.99 -7.91
N LYS A 30 3.10 -22.23 -8.27
CA LYS A 30 2.60 -22.19 -9.63
C LYS A 30 3.29 -20.97 -10.21
N LYS A 31 4.36 -21.21 -10.95
CA LYS A 31 5.12 -20.12 -11.56
C LYS A 31 4.67 -19.92 -13.01
N TYR A 32 4.45 -18.67 -13.38
CA TYR A 32 4.02 -18.32 -14.72
C TYR A 32 5.17 -17.68 -15.50
N THR A 33 5.26 -18.01 -16.78
CA THR A 33 6.28 -17.46 -17.65
C THR A 33 5.67 -16.39 -18.55
N MET A 34 6.47 -15.39 -18.89
CA MET A 34 6.05 -14.30 -19.76
C MET A 34 6.75 -14.41 -21.13
N GLY A 35 6.21 -13.75 -22.15
CA GLY A 35 6.83 -13.76 -23.47
C GLY A 35 8.01 -12.83 -23.58
N ASP A 36 8.71 -12.91 -24.72
CA ASP A 36 9.94 -12.14 -24.97
C ASP A 36 9.77 -11.00 -25.97
N ALA A 37 9.47 -11.39 -27.21
CA ALA A 37 9.29 -10.51 -28.36
C ALA A 37 8.42 -9.30 -27.96
N PRO A 38 8.33 -8.26 -28.81
CA PRO A 38 7.52 -7.08 -28.51
C PRO A 38 6.14 -7.32 -27.87
N ASP A 39 5.66 -8.55 -28.00
CA ASP A 39 4.45 -8.99 -27.33
C ASP A 39 4.89 -9.87 -26.15
N TYR A 40 4.85 -9.29 -24.96
CA TYR A 40 5.20 -10.04 -23.77
C TYR A 40 4.05 -10.94 -23.41
N ASP A 41 3.95 -12.04 -24.14
CA ASP A 41 2.87 -13.00 -23.98
C ASP A 41 2.62 -13.39 -22.53
N ARG A 42 1.44 -13.05 -22.03
CA ARG A 42 1.03 -13.38 -20.67
C ARG A 42 -0.19 -14.29 -20.64
N SER A 43 -0.42 -14.99 -21.76
CA SER A 43 -1.58 -15.84 -21.89
C SER A 43 -1.61 -16.90 -20.80
N GLN A 44 -0.43 -17.42 -20.44
CA GLN A 44 -0.31 -18.45 -19.40
C GLN A 44 -1.06 -18.09 -18.13
N TRP A 45 -0.92 -16.84 -17.70
CA TRP A 45 -1.65 -16.31 -16.54
C TRP A 45 -3.09 -15.95 -16.92
N LEU A 46 -3.23 -15.13 -17.96
CA LEU A 46 -4.54 -14.63 -18.40
C LEU A 46 -5.60 -15.70 -18.65
N ASN A 47 -5.18 -16.88 -19.09
CA ASN A 47 -6.12 -17.96 -19.35
C ASN A 47 -6.81 -18.45 -18.07
N GLU A 48 -6.04 -18.57 -17.00
CA GLU A 48 -6.60 -19.04 -15.76
C GLU A 48 -6.90 -17.96 -14.73
N LYS A 49 -6.62 -16.72 -15.10
CA LYS A 49 -6.86 -15.59 -14.22
C LYS A 49 -8.21 -15.58 -13.49
N PHE A 50 -9.28 -15.98 -14.18
CA PHE A 50 -10.63 -15.98 -13.59
C PHE A 50 -11.13 -17.37 -13.20
N LYS A 51 -10.26 -18.37 -13.25
CA LYS A 51 -10.67 -19.75 -13.01
C LYS A 51 -10.14 -20.30 -11.68
N LEU A 52 -9.47 -19.45 -10.91
CA LEU A 52 -8.91 -19.89 -9.64
C LEU A 52 -9.77 -19.50 -8.45
N GLY A 53 -10.86 -18.77 -8.73
CA GLY A 53 -11.79 -18.37 -7.68
C GLY A 53 -11.33 -17.20 -6.81
N LEU A 54 -10.59 -16.28 -7.40
CA LEU A 54 -10.07 -15.12 -6.66
C LEU A 54 -11.06 -13.98 -6.80
N ASP A 55 -11.31 -13.28 -5.69
CA ASP A 55 -12.21 -12.12 -5.68
C ASP A 55 -11.65 -10.98 -6.51
N PHE A 56 -10.37 -10.69 -6.31
CA PHE A 56 -9.65 -9.68 -7.06
C PHE A 56 -8.43 -10.34 -7.65
N PRO A 57 -8.62 -11.05 -8.80
CA PRO A 57 -7.59 -11.84 -9.48
C PRO A 57 -6.33 -11.03 -9.70
N ASN A 58 -5.20 -11.54 -9.23
CA ASN A 58 -3.94 -10.81 -9.29
C ASN A 58 -2.77 -11.73 -8.94
N LEU A 59 -1.56 -11.31 -9.32
CA LEU A 59 -0.32 -12.01 -8.99
C LEU A 59 0.51 -11.14 -8.06
N PRO A 60 1.01 -11.68 -6.94
CA PRO A 60 0.85 -13.08 -6.49
C PRO A 60 -0.45 -13.36 -5.74
N TYR A 61 -0.82 -14.64 -5.70
CA TYR A 61 -1.98 -15.10 -4.96
C TYR A 61 -1.55 -16.26 -4.07
N LEU A 62 -2.25 -16.44 -2.96
CA LEU A 62 -2.05 -17.57 -2.07
C LEU A 62 -3.38 -18.22 -1.84
N ILE A 63 -3.46 -19.52 -2.11
CA ILE A 63 -4.64 -20.29 -1.85
C ILE A 63 -4.29 -21.28 -0.77
N ASP A 64 -5.01 -21.20 0.34
CA ASP A 64 -4.83 -22.10 1.47
C ASP A 64 -6.17 -22.66 1.88
N GLY A 65 -6.56 -23.71 1.17
CA GLY A 65 -7.81 -24.35 1.47
C GLY A 65 -8.87 -23.38 1.01
N THR A 66 -9.77 -23.00 1.90
CA THR A 66 -10.83 -22.07 1.58
C THR A 66 -10.34 -20.64 1.44
N HIS A 67 -9.09 -20.37 1.80
CA HIS A 67 -8.60 -18.99 1.78
C HIS A 67 -7.88 -18.69 0.50
N LYS A 68 -8.47 -17.84 -0.32
CA LYS A 68 -7.83 -17.36 -1.53
C LYS A 68 -7.46 -15.92 -1.22
N ILE A 69 -6.18 -15.57 -1.39
CA ILE A 69 -5.68 -14.24 -1.00
C ILE A 69 -4.86 -13.60 -2.13
N THR A 70 -5.14 -12.35 -2.45
CA THR A 70 -4.30 -11.60 -3.39
C THR A 70 -3.77 -10.42 -2.63
N GLN A 71 -2.86 -9.68 -3.25
CA GLN A 71 -2.18 -8.54 -2.63
C GLN A 71 -1.08 -9.06 -1.71
N SER A 72 0.18 -8.79 -2.06
CA SER A 72 1.30 -9.33 -1.30
C SER A 72 1.29 -9.00 0.20
N ASN A 73 0.89 -7.79 0.57
CA ASN A 73 0.84 -7.42 1.98
C ASN A 73 -0.22 -8.21 2.77
N ALA A 74 -1.32 -8.57 2.11
CA ALA A 74 -2.37 -9.37 2.73
C ALA A 74 -1.92 -10.83 2.89
N ILE A 75 -1.11 -11.30 1.94
CA ILE A 75 -0.57 -12.66 1.98
C ILE A 75 0.44 -12.78 3.13
N LEU A 76 1.35 -11.82 3.17
CA LEU A 76 2.33 -11.73 4.26
C LEU A 76 1.64 -11.69 5.62
N ARG A 77 0.65 -10.82 5.75
CA ARG A 77 -0.09 -10.71 7.00
C ARG A 77 -0.82 -12.00 7.37
N TYR A 78 -1.35 -12.70 6.38
CA TYR A 78 -2.07 -13.96 6.61
C TYR A 78 -1.17 -15.03 7.24
N ILE A 79 0.01 -15.21 6.67
CA ILE A 79 1.01 -16.16 7.15
C ILE A 79 1.53 -15.73 8.52
N ALA A 80 1.80 -14.44 8.65
CA ALA A 80 2.33 -13.87 9.89
C ALA A 80 1.37 -14.07 11.04
N ARG A 81 0.09 -13.81 10.79
CA ARG A 81 -0.92 -13.98 11.82
C ARG A 81 -0.93 -15.43 12.27
N LYS A 82 -0.81 -16.34 11.31
CA LYS A 82 -0.77 -17.80 11.56
C LYS A 82 0.36 -18.26 12.45
N HIS A 83 1.53 -17.67 12.27
CA HIS A 83 2.70 -18.09 13.02
C HIS A 83 3.14 -17.06 14.04
N ASN A 84 2.29 -16.07 14.30
CA ASN A 84 2.54 -15.03 15.28
C ASN A 84 3.80 -14.22 15.02
N LEU A 85 4.04 -13.93 13.75
CA LEU A 85 5.17 -13.11 13.38
C LEU A 85 4.68 -11.69 13.14
N CYS A 86 3.88 -11.18 14.09
CA CYS A 86 3.29 -9.84 14.04
C CYS A 86 3.63 -9.04 15.32
N GLY A 87 3.30 -7.76 15.32
CA GLY A 87 3.55 -6.90 16.47
C GLY A 87 2.48 -7.16 17.50
N GLU A 88 2.84 -7.10 18.78
CA GLU A 88 1.90 -7.32 19.87
C GLU A 88 1.36 -6.06 20.54
N SER A 89 2.23 -5.12 20.90
CA SER A 89 1.77 -3.89 21.54
C SER A 89 1.38 -2.88 20.46
N GLU A 90 0.49 -1.93 20.78
CA GLU A 90 0.09 -0.89 19.83
C GLU A 90 1.31 -0.17 19.32
N LYS A 91 2.31 0.00 20.17
CA LYS A 91 3.58 0.61 19.79
C LYS A 91 4.23 -0.16 18.65
N GLU A 92 4.16 -1.48 18.75
CA GLU A 92 4.71 -2.36 17.74
C GLU A 92 3.84 -2.41 16.50
N GLN A 93 2.53 -2.44 16.70
CA GLN A 93 1.60 -2.43 15.58
C GLN A 93 1.70 -1.16 14.74
N ILE A 94 1.98 -0.03 15.39
CA ILE A 94 2.19 1.24 14.69
C ILE A 94 3.40 1.14 13.79
N ARG A 95 4.55 0.80 14.35
CA ARG A 95 5.81 0.72 13.61
C ARG A 95 5.67 -0.25 12.47
N GLU A 96 4.83 -1.26 12.69
CA GLU A 96 4.51 -2.28 11.71
C GLU A 96 3.71 -1.72 10.53
N ASP A 97 2.65 -0.96 10.83
CA ASP A 97 1.82 -0.33 9.80
C ASP A 97 2.56 0.77 9.04
N ILE A 98 3.35 1.57 9.76
CA ILE A 98 4.17 2.59 9.12
C ILE A 98 5.12 1.93 8.12
N LEU A 99 5.87 0.97 8.64
CA LEU A 99 6.91 0.29 7.87
C LEU A 99 6.35 -0.42 6.67
N GLU A 100 5.27 -1.19 6.84
CA GLU A 100 4.65 -1.88 5.72
C GLU A 100 4.45 -0.93 4.53
N ASN A 101 3.83 0.22 4.79
CA ASN A 101 3.53 1.19 3.74
C ASN A 101 4.78 1.94 3.30
N GLN A 102 5.68 2.24 4.24
CA GLN A 102 6.88 2.96 3.89
C GLN A 102 7.77 2.14 2.97
N PHE A 103 7.86 0.84 3.25
CA PHE A 103 8.63 -0.08 2.42
C PHE A 103 7.97 -0.24 1.06
N MET A 104 6.65 -0.25 1.05
CA MET A 104 5.93 -0.36 -0.22
C MET A 104 6.25 0.84 -1.11
N ASP A 105 6.37 2.02 -0.52
CA ASP A 105 6.72 3.21 -1.30
C ASP A 105 8.13 3.09 -1.86
N SER A 106 9.07 2.63 -1.03
CA SER A 106 10.45 2.45 -1.47
C SER A 106 10.51 1.42 -2.61
N ARG A 107 9.80 0.32 -2.46
CA ARG A 107 9.76 -0.73 -3.47
C ARG A 107 9.32 -0.14 -4.83
N MET A 108 8.28 0.68 -4.77
CA MET A 108 7.72 1.31 -5.96
C MET A 108 8.58 2.37 -6.64
N GLN A 109 9.43 3.06 -5.89
CA GLN A 109 10.34 4.02 -6.50
C GLN A 109 11.35 3.34 -7.42
N LEU A 110 11.84 2.19 -6.99
CA LEU A 110 12.82 1.39 -7.75
C LEU A 110 12.17 0.74 -8.98
N ALA A 111 10.96 0.20 -8.79
CA ALA A 111 10.21 -0.41 -9.87
C ALA A 111 9.94 0.59 -11.01
N LYS A 112 9.51 1.81 -10.66
CA LYS A 112 9.23 2.83 -11.65
C LYS A 112 10.44 3.21 -12.50
N LEU A 113 11.60 3.28 -11.85
CA LEU A 113 12.86 3.63 -12.51
C LEU A 113 13.26 2.54 -13.48
N CYS A 114 13.21 1.30 -13.01
CA CYS A 114 13.69 0.16 -13.78
C CYS A 114 12.78 -0.27 -14.92
N TYR A 115 11.52 0.16 -14.92
CA TYR A 115 10.62 -0.14 -16.04
C TYR A 115 10.55 1.03 -17.02
N ASP A 116 11.14 2.15 -16.63
CA ASP A 116 11.16 3.35 -17.45
C ASP A 116 12.24 3.28 -18.54
N PRO A 117 11.88 3.53 -19.80
CA PRO A 117 12.86 3.50 -20.90
C PRO A 117 13.95 4.57 -20.77
N ASP A 118 13.65 5.62 -20.03
CA ASP A 118 14.62 6.69 -19.83
C ASP A 118 15.43 6.39 -18.58
N PHE A 119 15.51 5.11 -18.24
CA PHE A 119 16.22 4.59 -17.11
C PHE A 119 17.59 5.22 -16.97
N GLU A 120 18.37 5.24 -18.03
CA GLU A 120 19.73 5.76 -17.95
C GLU A 120 19.77 7.25 -17.59
N LYS A 121 18.69 7.97 -17.89
CA LYS A 121 18.58 9.40 -17.58
C LYS A 121 18.10 9.62 -16.15
N LEU A 122 17.25 8.71 -15.69
CA LEU A 122 16.62 8.82 -14.37
C LEU A 122 17.45 8.20 -13.24
N LYS A 123 18.25 7.19 -13.55
CA LYS A 123 19.08 6.50 -12.55
C LYS A 123 19.87 7.44 -11.62
N PRO A 124 20.54 8.48 -12.17
CA PRO A 124 21.24 9.47 -11.34
C PRO A 124 20.40 10.14 -10.26
N GLU A 125 19.19 10.52 -10.63
CA GLU A 125 18.28 11.14 -9.69
C GLU A 125 17.96 10.19 -8.57
N TYR A 126 17.58 8.96 -8.91
CA TYR A 126 17.26 7.97 -7.90
C TYR A 126 18.40 7.80 -6.91
N LEU A 127 19.61 7.68 -7.45
CA LEU A 127 20.80 7.44 -6.64
C LEU A 127 21.07 8.56 -5.67
N GLN A 128 20.90 9.82 -6.08
CA GLN A 128 21.11 10.94 -5.18
C GLN A 128 20.02 11.01 -4.11
N ALA A 129 18.87 10.41 -4.40
CA ALA A 129 17.74 10.40 -3.48
C ALA A 129 17.80 9.21 -2.54
N LEU A 130 18.42 8.11 -2.99
CA LEU A 130 18.53 6.90 -2.19
C LEU A 130 19.11 7.15 -0.78
N PRO A 131 20.24 7.87 -0.69
CA PRO A 131 20.81 8.11 0.64
C PRO A 131 19.96 8.88 1.66
N GLU A 132 18.80 9.41 1.29
CA GLU A 132 17.93 10.03 2.29
C GLU A 132 17.03 8.93 2.83
N MET A 133 16.62 8.08 1.89
CA MET A 133 15.75 6.95 2.13
C MET A 133 16.34 5.95 3.12
N LEU A 134 17.57 5.50 2.85
CA LEU A 134 18.20 4.51 3.70
C LEU A 134 18.54 5.06 5.09
N LYS A 135 18.84 6.36 5.17
CA LYS A 135 19.18 7.02 6.43
C LYS A 135 17.99 6.96 7.38
N LEU A 136 16.80 7.22 6.87
CA LEU A 136 15.57 7.12 7.66
C LEU A 136 15.34 5.71 8.19
N TYR A 137 15.71 4.70 7.40
CA TYR A 137 15.64 3.31 7.82
C TYR A 137 16.69 2.94 8.88
N SER A 138 17.90 3.49 8.74
CA SER A 138 18.95 3.32 9.76
C SER A 138 18.49 3.92 11.06
N GLN A 139 18.11 5.20 10.99
CA GLN A 139 17.60 5.96 12.12
C GLN A 139 16.57 5.12 12.88
N PHE A 140 15.61 4.56 12.15
CA PHE A 140 14.51 3.78 12.72
C PHE A 140 14.91 2.41 13.31
N LEU A 141 15.91 1.74 12.72
CA LEU A 141 16.32 0.42 13.20
C LEU A 141 17.17 0.55 14.45
N GLY A 142 18.11 1.49 14.41
CA GLY A 142 18.95 1.78 15.55
C GLY A 142 19.77 0.58 15.99
N LYS A 143 19.79 0.32 17.30
CA LYS A 143 20.58 -0.75 17.88
C LYS A 143 19.76 -2.03 18.08
N GLN A 144 18.55 -2.07 17.53
CA GLN A 144 17.68 -3.24 17.66
C GLN A 144 18.06 -4.23 16.58
N PRO A 145 17.98 -5.54 16.88
CA PRO A 145 18.33 -6.58 15.91
C PRO A 145 17.35 -6.61 14.73
N TRP A 146 16.09 -6.33 15.02
CA TRP A 146 15.04 -6.35 14.01
C TRP A 146 14.17 -5.09 14.15
N PHE A 147 13.38 -4.84 13.12
CA PHE A 147 12.60 -3.63 13.03
C PHE A 147 11.55 -3.38 14.13
N LEU A 148 10.97 -4.41 14.73
CA LEU A 148 10.07 -4.19 15.86
C LEU A 148 10.73 -4.48 17.21
N GLY A 149 12.06 -4.45 17.25
CA GLY A 149 12.75 -4.68 18.49
C GLY A 149 13.51 -6.00 18.43
N ASP A 150 13.30 -6.87 19.41
CA ASP A 150 14.05 -8.11 19.52
C ASP A 150 13.46 -9.32 18.80
N LYS A 151 12.16 -9.33 18.59
CA LYS A 151 11.53 -10.45 17.91
C LYS A 151 11.43 -10.11 16.42
N ILE A 152 11.79 -11.08 15.58
CA ILE A 152 11.62 -10.92 14.16
C ILE A 152 10.13 -10.99 13.85
N THR A 153 9.68 -10.20 12.88
CA THR A 153 8.27 -10.16 12.50
C THR A 153 8.17 -10.12 10.97
N PHE A 154 6.97 -9.94 10.45
CA PHE A 154 6.81 -9.92 8.99
C PHE A 154 7.47 -8.74 8.29
N VAL A 155 7.46 -7.57 8.91
CA VAL A 155 8.01 -6.41 8.24
C VAL A 155 9.47 -6.62 7.92
N ASP A 156 10.15 -7.47 8.68
CA ASP A 156 11.58 -7.71 8.46
C ASP A 156 11.82 -8.45 7.14
N PHE A 157 10.83 -9.24 6.73
CA PHE A 157 10.90 -9.98 5.49
C PHE A 157 10.70 -9.03 4.30
N ILE A 158 9.82 -8.04 4.48
CA ILE A 158 9.60 -6.97 3.52
C ILE A 158 10.90 -6.16 3.43
N ALA A 159 11.36 -5.71 4.60
CA ALA A 159 12.55 -4.88 4.76
C ALA A 159 13.74 -5.45 4.05
N TYR A 160 14.10 -6.69 4.43
CA TYR A 160 15.25 -7.38 3.86
C TYR A 160 15.19 -7.28 2.33
N ASP A 161 14.03 -7.59 1.76
CA ASP A 161 13.83 -7.63 0.31
C ASP A 161 14.18 -6.32 -0.37
N VAL A 162 13.57 -5.22 0.05
CA VAL A 162 13.81 -3.95 -0.63
C VAL A 162 15.23 -3.41 -0.33
N LEU A 163 15.74 -3.66 0.87
CA LEU A 163 17.09 -3.21 1.23
C LEU A 163 18.16 -3.98 0.43
N GLU A 164 18.05 -5.30 0.46
CA GLU A 164 18.98 -6.18 -0.24
C GLU A 164 18.90 -5.91 -1.73
N ARG A 165 17.70 -5.67 -2.23
CA ARG A 165 17.49 -5.35 -3.64
C ARG A 165 18.25 -4.09 -4.08
N ASN A 166 18.31 -3.10 -3.20
CA ASN A 166 19.01 -1.86 -3.53
C ASN A 166 20.50 -2.09 -3.56
N GLN A 167 20.94 -3.01 -2.72
CA GLN A 167 22.34 -3.41 -2.68
C GLN A 167 22.72 -4.08 -4.01
N VAL A 168 21.79 -4.76 -4.68
CA VAL A 168 22.11 -5.38 -5.98
C VAL A 168 22.15 -4.30 -7.05
N PHE A 169 21.28 -3.31 -6.92
CA PHE A 169 21.22 -2.20 -7.88
C PHE A 169 22.44 -1.33 -7.77
N GLU A 170 22.83 -1.10 -6.53
CA GLU A 170 23.98 -0.26 -6.22
C GLU A 170 24.68 -0.91 -5.04
N PRO A 171 25.74 -1.69 -5.31
CA PRO A 171 26.49 -2.39 -4.26
C PRO A 171 26.95 -1.58 -3.04
N SER A 172 27.37 -0.35 -3.26
CA SER A 172 27.87 0.46 -2.16
C SER A 172 26.86 1.30 -1.36
N CYS A 173 25.57 1.24 -1.71
CA CYS A 173 24.58 2.08 -1.06
C CYS A 173 24.50 1.94 0.46
N LEU A 174 24.56 0.71 0.97
CA LEU A 174 24.41 0.48 2.41
C LEU A 174 25.69 0.74 3.20
N ASP A 175 26.76 1.11 2.51
CA ASP A 175 28.06 1.36 3.14
C ASP A 175 28.08 2.29 4.34
N ALA A 176 27.38 3.41 4.24
CA ALA A 176 27.35 4.39 5.31
C ALA A 176 26.43 3.98 6.45
N PHE A 177 25.65 2.92 6.23
CA PHE A 177 24.62 2.51 7.18
C PHE A 177 24.86 1.07 7.68
N PRO A 178 25.92 0.88 8.50
CA PRO A 178 26.34 -0.43 8.99
C PRO A 178 25.22 -1.30 9.55
N ASN A 179 24.41 -0.80 10.48
CA ASN A 179 23.27 -1.56 11.02
C ASN A 179 22.34 -2.13 9.95
N LEU A 180 22.26 -1.50 8.78
CA LEU A 180 21.42 -1.99 7.68
C LEU A 180 22.17 -3.14 7.02
N LYS A 181 23.48 -2.99 6.90
CA LYS A 181 24.33 -4.03 6.36
C LYS A 181 24.24 -5.27 7.24
N ASP A 182 24.32 -5.06 8.55
CA ASP A 182 24.28 -6.14 9.53
C ASP A 182 22.92 -6.81 9.59
N PHE A 183 21.85 -6.04 9.41
CA PHE A 183 20.51 -6.58 9.31
C PHE A 183 20.45 -7.61 8.19
N ILE A 184 20.94 -7.23 7.01
CA ILE A 184 20.96 -8.12 5.85
C ILE A 184 21.72 -9.39 6.19
N SER A 185 22.87 -9.24 6.83
CA SER A 185 23.70 -10.38 7.22
C SER A 185 23.00 -11.27 8.24
N ARG A 186 22.35 -10.65 9.22
CA ARG A 186 21.67 -11.35 10.28
C ARG A 186 20.48 -12.12 9.69
N PHE A 187 19.73 -11.46 8.81
CA PHE A 187 18.58 -12.08 8.15
C PHE A 187 19.01 -13.31 7.35
N GLU A 188 20.06 -13.15 6.55
CA GLU A 188 20.59 -14.22 5.71
C GLU A 188 21.22 -15.33 6.55
N GLY A 189 21.61 -14.99 7.77
CA GLY A 189 22.19 -15.98 8.65
C GLY A 189 21.20 -16.90 9.35
N LEU A 190 19.92 -16.54 9.35
CA LEU A 190 18.89 -17.37 9.98
C LEU A 190 18.94 -18.75 9.33
N GLU A 191 18.91 -19.77 10.17
CA GLU A 191 19.01 -21.17 9.75
C GLU A 191 18.16 -21.52 8.52
N LYS A 192 16.85 -21.32 8.62
CA LYS A 192 15.92 -21.69 7.54
C LYS A 192 16.17 -20.89 6.26
N ILE A 193 16.67 -19.68 6.43
CA ILE A 193 16.95 -18.75 5.33
C ILE A 193 18.18 -19.19 4.56
N SER A 194 19.30 -19.37 5.26
CA SER A 194 20.56 -19.78 4.65
C SER A 194 20.40 -21.11 3.91
N ALA A 195 19.75 -22.05 4.58
CA ALA A 195 19.45 -23.35 3.97
C ALA A 195 18.67 -23.17 2.67
N TYR A 196 17.66 -22.31 2.68
CA TYR A 196 16.86 -22.06 1.49
C TYR A 196 17.69 -21.44 0.39
N MET A 197 18.58 -20.54 0.77
CA MET A 197 19.36 -19.84 -0.24
C MET A 197 20.34 -20.78 -0.90
N LYS A 198 20.67 -21.87 -0.23
CA LYS A 198 21.60 -22.84 -0.78
C LYS A 198 20.87 -23.95 -1.55
N SER A 199 19.55 -23.84 -1.65
CA SER A 199 18.74 -24.80 -2.39
C SER A 199 18.50 -24.35 -3.83
N SER A 200 18.03 -25.27 -4.65
CA SER A 200 17.78 -25.00 -6.05
C SER A 200 16.44 -24.27 -6.30
N ARG A 201 15.73 -23.98 -5.21
CA ARG A 201 14.41 -23.35 -5.31
C ARG A 201 14.45 -21.89 -4.86
N PHE A 202 15.64 -21.31 -4.73
CA PHE A 202 15.81 -19.94 -4.24
C PHE A 202 15.23 -18.85 -5.17
N LEU A 203 15.81 -18.66 -6.34
CA LEU A 203 15.31 -17.66 -7.31
C LEU A 203 15.40 -16.18 -6.82
N PRO A 204 16.63 -15.67 -6.64
CA PRO A 204 16.77 -14.25 -6.26
C PRO A 204 16.77 -13.31 -7.46
N ARG A 205 16.81 -13.89 -8.66
CA ARG A 205 16.78 -13.14 -9.92
C ARG A 205 16.06 -13.99 -10.97
N PRO A 206 15.47 -13.36 -11.98
CA PRO A 206 15.36 -11.90 -12.20
C PRO A 206 14.65 -11.16 -11.12
N VAL A 207 14.98 -9.88 -11.02
CA VAL A 207 14.42 -9.03 -10.00
C VAL A 207 13.03 -8.62 -10.51
N PHE A 208 12.97 -8.21 -11.77
CA PHE A 208 11.74 -7.70 -12.38
C PHE A 208 11.37 -8.51 -13.61
N THR A 209 10.19 -8.24 -14.16
CA THR A 209 9.70 -8.98 -15.32
C THR A 209 10.54 -8.63 -16.54
N LYS A 210 10.23 -9.33 -17.63
CA LYS A 210 10.91 -9.18 -18.90
C LYS A 210 10.80 -7.77 -19.48
N MET A 211 9.75 -7.06 -19.08
CA MET A 211 9.49 -5.71 -19.57
C MET A 211 10.35 -4.64 -18.89
N ALA A 212 11.07 -5.02 -17.83
CA ALA A 212 11.90 -4.07 -17.09
C ALA A 212 13.15 -3.78 -17.91
N VAL A 213 13.62 -2.53 -17.89
CA VAL A 213 14.86 -2.19 -18.60
C VAL A 213 16.05 -2.60 -17.74
N TRP A 214 15.79 -2.80 -16.45
CA TRP A 214 16.81 -3.24 -15.51
C TRP A 214 16.23 -4.38 -14.69
N GLY A 215 17.06 -5.41 -14.49
CA GLY A 215 16.70 -6.57 -13.69
C GLY A 215 15.68 -7.44 -14.38
N ASN A 216 15.63 -7.33 -15.69
CA ASN A 216 14.63 -8.02 -16.49
C ASN A 216 15.10 -9.38 -16.88
N LYS A 217 14.19 -10.35 -16.77
CA LYS A 217 14.31 -11.75 -17.20
C LYS A 217 12.91 -12.38 -16.93
N PRO B 1 -5.76 18.56 21.62
CA PRO B 1 -6.12 17.18 21.23
C PRO B 1 -5.19 16.57 20.15
N MET B 2 -5.73 15.72 19.27
CA MET B 2 -4.93 15.15 18.21
C MET B 2 -4.65 16.19 17.15
N THR B 3 -3.66 15.92 16.31
CA THR B 3 -3.33 16.84 15.25
C THR B 3 -3.23 16.13 13.90
N LEU B 4 -4.01 16.59 12.94
CA LEU B 4 -4.01 16.02 11.60
C LEU B 4 -3.43 17.06 10.67
N GLY B 5 -2.26 16.76 10.13
CA GLY B 5 -1.61 17.68 9.21
C GLY B 5 -1.73 17.16 7.81
N TYR B 6 -2.16 18.04 6.92
CA TYR B 6 -2.30 17.72 5.50
C TYR B 6 -2.57 19.00 4.71
N TRP B 7 -2.53 18.89 3.39
CA TRP B 7 -2.82 20.00 2.49
C TRP B 7 -4.30 20.35 2.67
N ASN B 8 -4.67 21.56 2.30
CA ASN B 8 -6.07 21.98 2.37
C ASN B 8 -6.92 21.31 1.27
N ILE B 9 -6.67 20.02 1.07
CA ILE B 9 -7.15 19.24 -0.05
C ILE B 9 -7.93 18.04 0.53
N ARG B 10 -8.82 17.46 -0.25
CA ARG B 10 -9.52 16.24 0.13
C ARG B 10 -8.48 15.12 0.22
N GLY B 11 -7.92 14.75 -0.94
CA GLY B 11 -6.88 13.73 -1.05
C GLY B 11 -6.85 12.56 -0.08
N LEU B 12 -5.65 12.29 0.45
CA LEU B 12 -5.43 11.22 1.42
C LEU B 12 -5.97 11.42 2.84
N ALA B 13 -6.49 12.61 3.14
CA ALA B 13 -6.98 12.90 4.48
C ALA B 13 -8.48 12.72 4.59
N HIS B 14 -9.17 12.58 3.47
CA HIS B 14 -10.63 12.45 3.49
C HIS B 14 -11.16 11.35 4.40
N SER B 15 -10.72 10.11 4.17
CA SER B 15 -11.20 8.98 4.96
C SER B 15 -10.79 9.13 6.43
N ILE B 16 -9.64 9.78 6.64
CA ILE B 16 -9.12 10.06 7.98
C ILE B 16 -10.07 10.99 8.74
N ARG B 17 -10.36 12.14 8.12
CA ARG B 17 -11.28 13.14 8.68
C ARG B 17 -12.65 12.55 9.02
N LEU B 18 -13.16 11.70 8.14
CA LEU B 18 -14.45 11.08 8.34
C LEU B 18 -14.41 10.15 9.54
N LEU B 19 -13.38 9.30 9.63
CA LEU B 19 -13.23 8.39 10.76
C LEU B 19 -13.08 9.14 12.08
N LEU B 20 -12.27 10.21 12.10
CA LEU B 20 -12.10 11.03 13.30
C LEU B 20 -13.45 11.60 13.73
N GLU B 21 -14.21 12.07 12.75
CA GLU B 21 -15.54 12.63 12.97
C GLU B 21 -16.51 11.57 13.43
N TYR B 22 -16.42 10.40 12.83
CA TYR B 22 -17.31 9.30 13.18
C TYR B 22 -17.06 8.79 14.61
N THR B 23 -15.79 8.62 14.95
CA THR B 23 -15.42 8.10 16.28
C THR B 23 -15.52 9.18 17.36
N ASP B 24 -15.98 10.36 16.96
CA ASP B 24 -16.13 11.50 17.88
C ASP B 24 -14.77 11.97 18.42
N SER B 25 -13.72 11.74 17.66
CA SER B 25 -12.37 12.13 18.06
C SER B 25 -12.19 13.64 18.11
N SER B 26 -11.41 14.09 19.09
CA SER B 26 -11.12 15.50 19.30
C SER B 26 -9.78 15.75 18.62
N TYR B 27 -9.76 16.65 17.65
CA TYR B 27 -8.53 16.89 16.89
C TYR B 27 -8.44 18.30 16.32
N GLU B 28 -7.23 18.68 15.94
CA GLU B 28 -6.97 19.96 15.27
C GLU B 28 -6.38 19.61 13.93
N GLU B 29 -6.67 20.41 12.92
CA GLU B 29 -6.13 20.16 11.58
C GLU B 29 -5.14 21.25 11.26
N LYS B 30 -3.92 20.85 10.93
CA LYS B 30 -2.89 21.77 10.52
C LYS B 30 -2.93 21.63 9.01
N LYS B 31 -3.50 22.63 8.36
CA LYS B 31 -3.69 22.58 6.93
C LYS B 31 -2.65 23.40 6.22
N TYR B 32 -1.96 22.76 5.27
CA TYR B 32 -0.91 23.40 4.50
C TYR B 32 -1.49 23.90 3.18
N THR B 33 -0.94 24.99 2.68
CA THR B 33 -1.37 25.59 1.44
C THR B 33 -0.21 25.45 0.45
N MET B 34 -0.56 25.31 -0.83
CA MET B 34 0.42 25.18 -1.89
C MET B 34 0.40 26.42 -2.79
N GLY B 35 1.50 26.67 -3.50
CA GLY B 35 1.55 27.78 -4.43
C GLY B 35 0.85 27.46 -5.74
N ASP B 36 0.72 28.47 -6.59
CA ASP B 36 -0.02 28.34 -7.88
C ASP B 36 0.84 28.48 -9.12
N ALA B 37 1.63 29.54 -9.15
CA ALA B 37 2.52 29.89 -10.27
C ALA B 37 3.36 28.66 -10.68
N PRO B 38 4.17 28.77 -11.76
CA PRO B 38 5.02 27.64 -12.18
C PRO B 38 5.73 26.91 -11.05
N ASP B 39 5.97 27.64 -9.97
CA ASP B 39 6.54 27.10 -8.75
C ASP B 39 5.37 26.88 -7.80
N TYR B 40 5.03 25.62 -7.56
CA TYR B 40 3.96 25.32 -6.65
C TYR B 40 4.59 25.28 -5.29
N ASP B 41 4.78 26.47 -4.71
CA ASP B 41 5.40 26.68 -3.41
C ASP B 41 4.88 25.72 -2.33
N ARG B 42 5.80 24.98 -1.73
CA ARG B 42 5.47 24.06 -0.64
C ARG B 42 6.29 24.36 0.60
N SER B 43 6.93 25.53 0.62
CA SER B 43 7.77 25.96 1.74
C SER B 43 7.03 25.85 3.07
N GLN B 44 5.74 26.19 3.07
CA GLN B 44 4.92 26.08 4.29
C GLN B 44 5.06 24.72 4.97
N TRP B 45 5.18 23.67 4.17
CA TRP B 45 5.35 22.32 4.70
C TRP B 45 6.84 22.05 4.93
N LEU B 46 7.64 22.22 3.89
CA LEU B 46 9.06 21.88 3.92
C LEU B 46 9.84 22.58 5.05
N ASN B 47 9.35 23.73 5.49
CA ASN B 47 10.00 24.49 6.56
C ASN B 47 9.92 23.78 7.92
N GLU B 48 8.84 23.06 8.17
CA GLU B 48 8.68 22.37 9.44
C GLU B 48 8.55 20.86 9.30
N LYS B 49 8.93 20.36 8.13
CA LYS B 49 8.84 18.95 7.79
C LYS B 49 9.64 18.10 8.79
N PHE B 50 10.79 18.62 9.20
CA PHE B 50 11.71 17.92 10.10
C PHE B 50 11.68 18.39 11.54
N LYS B 51 10.69 19.20 11.89
CA LYS B 51 10.63 19.79 13.22
C LYS B 51 9.43 19.27 14.02
N LEU B 52 8.72 18.29 13.48
CA LEU B 52 7.54 17.77 14.15
C LEU B 52 7.83 16.46 14.86
N GLY B 53 9.02 15.92 14.59
CA GLY B 53 9.47 14.69 15.23
C GLY B 53 8.92 13.44 14.55
N LEU B 54 8.81 13.46 13.22
CA LEU B 54 8.31 12.32 12.47
C LEU B 54 9.48 11.47 12.02
N ASP B 55 9.33 10.16 12.14
CA ASP B 55 10.37 9.22 11.75
C ASP B 55 10.54 9.25 10.22
N PHE B 56 9.41 9.30 9.54
CA PHE B 56 9.37 9.36 8.10
C PHE B 56 8.39 10.48 7.80
N PRO B 57 8.88 11.75 7.83
CA PRO B 57 8.08 12.96 7.59
C PRO B 57 7.29 12.87 6.31
N ASN B 58 5.97 12.99 6.44
CA ASN B 58 5.08 12.83 5.31
C ASN B 58 3.73 13.44 5.61
N LEU B 59 2.93 13.62 4.56
CA LEU B 59 1.58 14.14 4.68
C LEU B 59 0.65 13.08 4.08
N PRO B 60 -0.43 12.74 4.80
CA PRO B 60 -0.81 13.32 6.10
C PRO B 60 -0.06 12.70 7.29
N TYR B 61 -0.13 13.37 8.42
CA TYR B 61 0.51 12.89 9.64
C TYR B 61 -0.47 13.07 10.78
N LEU B 62 -0.46 12.16 11.74
CA LEU B 62 -1.32 12.29 12.90
C LEU B 62 -0.39 12.30 14.08
N ILE B 63 -0.66 13.19 15.02
CA ILE B 63 0.13 13.24 16.23
C ILE B 63 -0.85 13.13 17.38
N ASP B 64 -0.73 12.05 18.14
CA ASP B 64 -1.60 11.83 19.31
C ASP B 64 -0.79 11.58 20.57
N GLY B 65 -0.38 12.70 21.18
CA GLY B 65 0.41 12.64 22.38
C GLY B 65 1.80 12.26 21.95
N THR B 66 2.26 11.10 22.39
CA THR B 66 3.58 10.59 22.08
C THR B 66 3.64 9.92 20.71
N HIS B 67 2.47 9.60 20.16
CA HIS B 67 2.40 8.88 18.90
C HIS B 67 2.43 9.83 17.74
N LYS B 68 3.50 9.73 16.95
CA LYS B 68 3.64 10.46 15.70
C LYS B 68 3.47 9.40 14.63
N ILE B 69 2.46 9.53 13.79
CA ILE B 69 2.15 8.53 12.76
C ILE B 69 2.09 9.18 11.38
N THR B 70 2.69 8.52 10.39
CA THR B 70 2.58 8.93 8.98
C THR B 70 2.03 7.71 8.23
N GLN B 71 1.78 7.88 6.93
CA GLN B 71 1.17 6.84 6.06
C GLN B 71 -0.30 6.71 6.41
N SER B 72 -1.16 7.13 5.47
CA SER B 72 -2.60 7.15 5.67
C SER B 72 -3.19 5.83 6.19
N ASN B 73 -2.64 4.70 5.76
CA ASN B 73 -3.16 3.41 6.19
C ASN B 73 -2.84 3.16 7.69
N ALA B 74 -1.64 3.54 8.11
CA ALA B 74 -1.22 3.44 9.51
C ALA B 74 -2.03 4.34 10.42
N ILE B 75 -2.36 5.52 9.91
CA ILE B 75 -3.19 6.48 10.64
C ILE B 75 -4.62 5.95 10.83
N LEU B 76 -5.19 5.43 9.74
CA LEU B 76 -6.53 4.83 9.78
C LEU B 76 -6.54 3.66 10.75
N ARG B 77 -5.60 2.73 10.57
CA ARG B 77 -5.52 1.56 11.41
C ARG B 77 -5.41 1.95 12.88
N TYR B 78 -4.60 2.96 13.18
CA TYR B 78 -4.44 3.48 14.54
C TYR B 78 -5.77 3.90 15.21
N ILE B 79 -6.54 4.75 14.53
CA ILE B 79 -7.85 5.21 15.04
C ILE B 79 -8.82 4.04 15.07
N ALA B 80 -8.70 3.17 14.08
CA ALA B 80 -9.57 2.02 13.94
C ALA B 80 -9.39 1.08 15.12
N ARG B 81 -8.13 0.82 15.48
CA ARG B 81 -7.78 -0.06 16.58
C ARG B 81 -8.30 0.50 17.90
N LYS B 82 -8.19 1.81 18.08
CA LYS B 82 -8.63 2.49 19.30
C LYS B 82 -10.13 2.40 19.56
N HIS B 83 -10.92 2.27 18.50
CA HIS B 83 -12.38 2.25 18.66
C HIS B 83 -13.00 0.95 18.22
N ASN B 84 -12.18 -0.07 17.97
CA ASN B 84 -12.69 -1.38 17.55
C ASN B 84 -13.42 -1.33 16.20
N LEU B 85 -12.93 -0.53 15.26
CA LEU B 85 -13.53 -0.51 13.93
C LEU B 85 -12.72 -1.40 13.00
N CYS B 86 -12.29 -2.56 13.52
CA CYS B 86 -11.41 -3.49 12.83
C CYS B 86 -12.04 -4.87 12.67
N GLY B 87 -11.43 -5.67 11.81
CA GLY B 87 -11.90 -7.01 11.54
C GLY B 87 -11.58 -7.88 12.73
N GLU B 88 -12.47 -8.78 13.08
CA GLU B 88 -12.31 -9.65 14.23
C GLU B 88 -11.85 -11.07 13.89
N SER B 89 -12.62 -11.78 13.09
CA SER B 89 -12.22 -13.14 12.75
C SER B 89 -11.10 -13.04 11.73
N GLU B 90 -10.35 -14.12 11.52
CA GLU B 90 -9.30 -14.10 10.51
C GLU B 90 -9.91 -13.97 9.12
N LYS B 91 -11.14 -14.44 8.99
CA LYS B 91 -11.93 -14.29 7.78
C LYS B 91 -12.10 -12.82 7.43
N GLU B 92 -12.38 -12.02 8.46
CA GLU B 92 -12.56 -10.59 8.30
C GLU B 92 -11.25 -9.85 8.18
N GLN B 93 -10.21 -10.33 8.83
CA GLN B 93 -8.94 -9.65 8.74
C GLN B 93 -8.35 -9.80 7.34
N ILE B 94 -8.61 -10.95 6.71
CA ILE B 94 -8.16 -11.19 5.34
C ILE B 94 -8.79 -10.18 4.39
N ARG B 95 -10.12 -10.12 4.40
CA ARG B 95 -10.90 -9.20 3.55
C ARG B 95 -10.45 -7.77 3.72
N GLU B 96 -10.17 -7.45 4.98
CA GLU B 96 -9.64 -6.16 5.38
C GLU B 96 -8.32 -5.83 4.69
N ASP B 97 -7.34 -6.72 4.81
CA ASP B 97 -6.03 -6.54 4.20
C ASP B 97 -6.10 -6.50 2.68
N ILE B 98 -6.98 -7.31 2.09
CA ILE B 98 -7.16 -7.30 0.64
C ILE B 98 -7.73 -5.94 0.21
N LEU B 99 -8.86 -5.56 0.78
CA LEU B 99 -9.52 -4.31 0.42
C LEU B 99 -8.64 -3.09 0.70
N GLU B 100 -7.93 -3.10 1.82
CA GLU B 100 -7.03 -2.00 2.17
C GLU B 100 -6.06 -1.75 1.03
N ASN B 101 -5.47 -2.83 0.53
CA ASN B 101 -4.48 -2.75 -0.54
C ASN B 101 -5.13 -2.57 -1.91
N GLN B 102 -6.30 -3.19 -2.11
CA GLN B 102 -6.99 -3.12 -3.39
C GLN B 102 -7.44 -1.70 -3.67
N PHE B 103 -8.05 -1.07 -2.67
CA PHE B 103 -8.48 0.30 -2.79
C PHE B 103 -7.31 1.24 -3.01
N MET B 104 -6.18 0.97 -2.36
CA MET B 104 -5.00 1.80 -2.56
C MET B 104 -4.54 1.72 -4.02
N ASP B 105 -4.73 0.56 -4.64
CA ASP B 105 -4.44 0.38 -6.07
C ASP B 105 -5.38 1.20 -6.94
N SER B 106 -6.67 1.15 -6.64
CA SER B 106 -7.68 1.92 -7.36
C SER B 106 -7.46 3.42 -7.20
N ARG B 107 -7.17 3.85 -5.97
CA ARG B 107 -6.94 5.25 -5.67
C ARG B 107 -5.81 5.80 -6.56
N MET B 108 -4.76 5.01 -6.70
CA MET B 108 -3.59 5.43 -7.46
C MET B 108 -3.79 5.50 -8.96
N GLN B 109 -4.71 4.69 -9.51
CA GLN B 109 -5.00 4.72 -10.93
C GLN B 109 -5.69 6.01 -11.38
N LEU B 110 -6.59 6.51 -10.53
CA LEU B 110 -7.21 7.80 -10.78
C LEU B 110 -6.17 8.91 -10.64
N ALA B 111 -5.38 8.85 -9.58
CA ALA B 111 -4.33 9.85 -9.34
C ALA B 111 -3.37 10.01 -10.51
N LYS B 112 -2.89 8.89 -11.04
CA LYS B 112 -1.97 8.89 -12.17
C LYS B 112 -2.54 9.64 -13.37
N LEU B 113 -3.79 9.33 -13.72
CA LEU B 113 -4.49 9.93 -14.84
C LEU B 113 -4.70 11.44 -14.63
N CYS B 114 -5.19 11.80 -13.45
CA CYS B 114 -5.54 13.18 -13.16
C CYS B 114 -4.36 14.13 -12.98
N TYR B 115 -3.15 13.60 -12.90
CA TYR B 115 -1.96 14.45 -12.82
C TYR B 115 -1.16 14.47 -14.13
N ASP B 116 -1.58 13.61 -15.06
CA ASP B 116 -0.89 13.44 -16.32
C ASP B 116 -1.36 14.53 -17.28
N PRO B 117 -0.43 15.27 -17.91
CA PRO B 117 -0.79 16.29 -18.89
C PRO B 117 -1.60 15.75 -20.06
N ASP B 118 -1.40 14.48 -20.36
CA ASP B 118 -2.11 13.82 -21.44
C ASP B 118 -3.46 13.28 -20.99
N PHE B 119 -3.93 13.78 -19.84
CA PHE B 119 -5.21 13.44 -19.25
C PHE B 119 -6.28 13.20 -20.30
N GLU B 120 -6.50 14.17 -21.18
CA GLU B 120 -7.51 14.06 -22.23
C GLU B 120 -7.42 12.80 -23.10
N LYS B 121 -6.20 12.36 -23.42
CA LYS B 121 -6.02 11.16 -24.25
C LYS B 121 -6.23 9.92 -23.42
N LEU B 122 -5.75 9.96 -22.19
CA LEU B 122 -5.76 8.81 -21.31
C LEU B 122 -7.11 8.55 -20.62
N LYS B 123 -7.92 9.59 -20.44
CA LYS B 123 -9.21 9.45 -19.76
C LYS B 123 -10.14 8.36 -20.31
N PRO B 124 -10.36 8.31 -21.65
CA PRO B 124 -11.24 7.26 -22.21
C PRO B 124 -10.76 5.87 -21.87
N GLU B 125 -9.45 5.72 -21.83
CA GLU B 125 -8.86 4.45 -21.52
C GLU B 125 -9.28 4.09 -20.11
N TYR B 126 -9.10 5.03 -19.19
CA TYR B 126 -9.45 4.79 -17.79
C TYR B 126 -10.91 4.37 -17.69
N LEU B 127 -11.77 5.08 -18.39
CA LEU B 127 -13.21 4.86 -18.31
C LEU B 127 -13.62 3.49 -18.79
N GLN B 128 -12.94 2.96 -19.80
CA GLN B 128 -13.25 1.62 -20.29
C GLN B 128 -12.85 0.52 -19.32
N ALA B 129 -11.81 0.78 -18.53
CA ALA B 129 -11.34 -0.19 -17.54
C ALA B 129 -12.11 -0.11 -16.23
N LEU B 130 -12.60 1.09 -15.91
CA LEU B 130 -13.35 1.37 -14.69
C LEU B 130 -14.49 0.39 -14.34
N PRO B 131 -15.35 0.04 -15.32
CA PRO B 131 -16.42 -0.90 -15.00
C PRO B 131 -15.99 -2.32 -14.68
N GLU B 132 -14.76 -2.71 -15.05
CA GLU B 132 -14.25 -4.02 -14.67
C GLU B 132 -13.96 -3.97 -13.19
N MET B 133 -13.29 -2.89 -12.79
CA MET B 133 -12.92 -2.61 -11.41
C MET B 133 -14.14 -2.56 -10.49
N LEU B 134 -15.10 -1.72 -10.83
CA LEU B 134 -16.31 -1.54 -10.04
C LEU B 134 -17.10 -2.83 -9.90
N LYS B 135 -16.99 -3.70 -10.89
CA LYS B 135 -17.66 -4.99 -10.89
C LYS B 135 -17.14 -5.90 -9.78
N LEU B 136 -15.82 -5.92 -9.62
CA LEU B 136 -15.22 -6.73 -8.59
C LEU B 136 -15.61 -6.27 -7.18
N TYR B 137 -15.64 -4.95 -6.95
CA TYR B 137 -16.11 -4.40 -5.67
C TYR B 137 -17.56 -4.73 -5.42
N SER B 138 -18.34 -4.69 -6.49
CA SER B 138 -19.77 -5.02 -6.46
C SER B 138 -19.97 -6.47 -6.09
N GLN B 139 -19.24 -7.35 -6.78
CA GLN B 139 -19.27 -8.79 -6.53
C GLN B 139 -18.96 -9.04 -5.05
N PHE B 140 -17.89 -8.42 -4.58
CA PHE B 140 -17.40 -8.59 -3.21
C PHE B 140 -18.38 -8.08 -2.13
N LEU B 141 -19.07 -6.97 -2.38
CA LEU B 141 -20.00 -6.41 -1.38
C LEU B 141 -21.28 -7.24 -1.25
N GLY B 142 -21.86 -7.60 -2.40
CA GLY B 142 -23.04 -8.44 -2.40
C GLY B 142 -24.18 -7.82 -1.60
N LYS B 143 -24.90 -8.62 -0.82
CA LYS B 143 -26.05 -8.12 -0.06
C LYS B 143 -25.63 -7.62 1.34
N GLN B 144 -24.34 -7.40 1.54
CA GLN B 144 -23.87 -6.97 2.85
C GLN B 144 -23.99 -5.46 2.96
N PRO B 145 -24.40 -4.96 4.13
CA PRO B 145 -24.53 -3.53 4.34
C PRO B 145 -23.18 -2.81 4.32
N TRP B 146 -22.13 -3.50 4.79
CA TRP B 146 -20.76 -2.99 4.82
C TRP B 146 -19.82 -4.06 4.26
N PHE B 147 -18.59 -3.68 3.93
CA PHE B 147 -17.63 -4.60 3.32
C PHE B 147 -17.15 -5.79 4.13
N LEU B 148 -17.19 -5.73 5.45
CA LEU B 148 -16.81 -6.91 6.24
C LEU B 148 -18.05 -7.49 6.88
N GLY B 149 -19.20 -7.34 6.21
CA GLY B 149 -20.41 -7.93 6.74
C GLY B 149 -21.33 -6.90 7.34
N ASP B 150 -21.78 -7.16 8.58
CA ASP B 150 -22.74 -6.31 9.30
C ASP B 150 -22.17 -5.10 10.04
N LYS B 151 -20.92 -5.19 10.47
CA LYS B 151 -20.35 -4.11 11.25
C LYS B 151 -19.50 -3.22 10.35
N ILE B 152 -19.66 -1.91 10.50
CA ILE B 152 -18.86 -0.94 9.77
C ILE B 152 -17.47 -0.98 10.39
N THR B 153 -16.45 -0.82 9.56
CA THR B 153 -15.06 -0.85 10.02
C THR B 153 -14.30 0.17 9.18
N PHE B 154 -12.99 0.24 9.38
CA PHE B 154 -12.18 1.23 8.70
C PHE B 154 -12.08 1.13 7.17
N VAL B 155 -12.30 -0.06 6.61
CA VAL B 155 -12.21 -0.22 5.16
C VAL B 155 -13.32 0.52 4.46
N ASP B 156 -14.47 0.61 5.10
CA ASP B 156 -15.62 1.31 4.52
C ASP B 156 -15.36 2.80 4.35
N PHE B 157 -14.52 3.37 5.20
CA PHE B 157 -14.18 4.76 5.08
C PHE B 157 -13.26 4.95 3.88
N ILE B 158 -12.46 3.91 3.60
CA ILE B 158 -11.54 3.91 2.46
C ILE B 158 -12.36 3.70 1.19
N ALA B 159 -13.24 2.71 1.23
CA ALA B 159 -14.10 2.34 0.12
C ALA B 159 -14.94 3.51 -0.31
N TYR B 160 -15.64 4.12 0.65
CA TYR B 160 -16.46 5.28 0.41
C TYR B 160 -15.69 6.30 -0.41
N ASP B 161 -14.55 6.74 0.11
CA ASP B 161 -13.69 7.74 -0.53
C ASP B 161 -13.38 7.43 -2.00
N VAL B 162 -12.82 6.27 -2.30
CA VAL B 162 -12.39 5.99 -3.68
C VAL B 162 -13.58 5.76 -4.62
N LEU B 163 -14.71 5.28 -4.06
CA LEU B 163 -15.92 4.99 -4.84
C LEU B 163 -16.69 6.28 -5.15
N GLU B 164 -16.91 7.08 -4.11
CA GLU B 164 -17.63 8.33 -4.21
C GLU B 164 -16.86 9.31 -5.11
N ARG B 165 -15.55 9.34 -4.94
CA ARG B 165 -14.69 10.20 -5.77
C ARG B 165 -14.73 9.86 -7.27
N ASN B 166 -14.96 8.58 -7.59
CA ASN B 166 -15.06 8.16 -8.98
C ASN B 166 -16.39 8.64 -9.53
N GLN B 167 -17.40 8.68 -8.65
CA GLN B 167 -18.73 9.15 -9.01
C GLN B 167 -18.76 10.65 -9.29
N VAL B 168 -17.79 11.40 -8.78
CA VAL B 168 -17.70 12.82 -9.11
C VAL B 168 -17.00 12.94 -10.46
N PHE B 169 -16.03 12.07 -10.67
CA PHE B 169 -15.23 12.09 -11.88
C PHE B 169 -16.17 11.75 -13.05
N GLU B 170 -16.89 10.65 -12.90
CA GLU B 170 -17.79 10.12 -13.91
C GLU B 170 -19.08 9.77 -13.18
N PRO B 171 -20.01 10.73 -13.12
CA PRO B 171 -21.29 10.65 -12.44
C PRO B 171 -22.11 9.38 -12.61
N SER B 172 -22.10 8.79 -13.80
CA SER B 172 -22.89 7.60 -14.07
C SER B 172 -22.22 6.23 -13.81
N CYS B 173 -20.95 6.24 -13.42
CA CYS B 173 -20.19 4.99 -13.26
C CYS B 173 -20.82 3.94 -12.34
N LEU B 174 -21.35 4.37 -11.20
CA LEU B 174 -21.93 3.43 -10.25
C LEU B 174 -23.35 2.95 -10.59
N ASP B 175 -23.98 3.55 -11.60
CA ASP B 175 -25.39 3.26 -11.88
C ASP B 175 -25.68 1.81 -12.24
N ALA B 176 -24.71 1.13 -12.85
CA ALA B 176 -24.90 -0.28 -13.19
C ALA B 176 -24.73 -1.15 -11.94
N PHE B 177 -24.13 -0.59 -10.89
CA PHE B 177 -23.84 -1.33 -9.67
C PHE B 177 -24.59 -0.72 -8.48
N PRO B 178 -25.91 -0.96 -8.42
CA PRO B 178 -26.79 -0.52 -7.34
C PRO B 178 -26.19 -0.62 -5.95
N ASN B 179 -25.82 -1.82 -5.51
CA ASN B 179 -25.22 -2.03 -4.20
C ASN B 179 -24.08 -1.07 -3.85
N LEU B 180 -23.34 -0.63 -4.86
CA LEU B 180 -22.28 0.35 -4.65
C LEU B 180 -22.90 1.71 -4.40
N LYS B 181 -23.92 2.05 -5.18
CA LYS B 181 -24.63 3.31 -5.00
C LYS B 181 -25.23 3.39 -3.61
N ASP B 182 -25.90 2.31 -3.21
CA ASP B 182 -26.52 2.23 -1.89
C ASP B 182 -25.51 2.35 -0.77
N PHE B 183 -24.33 1.77 -1.00
CA PHE B 183 -23.27 1.85 -0.02
C PHE B 183 -22.96 3.32 0.22
N ILE B 184 -22.78 4.08 -0.85
CA ILE B 184 -22.50 5.51 -0.73
C ILE B 184 -23.61 6.26 0.03
N SER B 185 -24.86 5.95 -0.28
CA SER B 185 -25.99 6.60 0.41
C SER B 185 -26.08 6.19 1.88
N ARG B 186 -25.76 4.93 2.15
CA ARG B 186 -25.83 4.37 3.49
C ARG B 186 -24.76 4.98 4.37
N PHE B 187 -23.57 5.15 3.80
CA PHE B 187 -22.46 5.76 4.52
C PHE B 187 -22.80 7.22 4.84
N GLU B 188 -23.24 7.97 3.83
CA GLU B 188 -23.60 9.37 4.00
C GLU B 188 -24.82 9.53 4.92
N GLY B 189 -25.62 8.47 5.02
CA GLY B 189 -26.75 8.47 5.92
C GLY B 189 -26.41 8.39 7.40
N LEU B 190 -25.23 7.88 7.71
CA LEU B 190 -24.80 7.74 9.11
C LEU B 190 -24.86 9.10 9.77
N GLU B 191 -25.52 9.16 10.92
CA GLU B 191 -25.71 10.38 11.69
C GLU B 191 -24.49 11.30 11.87
N LYS B 192 -23.37 10.75 12.31
CA LYS B 192 -22.17 11.55 12.54
C LYS B 192 -21.61 12.07 11.22
N ILE B 193 -21.77 11.28 10.17
CA ILE B 193 -21.26 11.64 8.86
C ILE B 193 -22.10 12.74 8.21
N SER B 194 -23.41 12.56 8.18
CA SER B 194 -24.27 13.58 7.58
C SER B 194 -24.08 14.92 8.29
N ALA B 195 -24.12 14.89 9.62
CA ALA B 195 -23.88 16.08 10.42
C ALA B 195 -22.57 16.78 10.05
N TYR B 196 -21.54 15.99 9.74
CA TYR B 196 -20.23 16.53 9.39
C TYR B 196 -20.28 17.16 7.99
N MET B 197 -21.01 16.50 7.09
CA MET B 197 -21.09 16.96 5.71
C MET B 197 -21.87 18.26 5.60
N LYS B 198 -22.72 18.51 6.59
CA LYS B 198 -23.49 19.73 6.63
C LYS B 198 -22.77 20.85 7.38
N SER B 199 -21.55 20.55 7.85
CA SER B 199 -20.77 21.52 8.59
C SER B 199 -19.84 22.24 7.63
N SER B 200 -19.22 23.30 8.11
CA SER B 200 -18.32 24.10 7.31
C SER B 200 -16.89 23.53 7.28
N ARG B 201 -16.66 22.46 8.04
CA ARG B 201 -15.35 21.84 8.14
C ARG B 201 -15.24 20.62 7.23
N PHE B 202 -16.21 20.45 6.33
CA PHE B 202 -16.27 19.24 5.50
C PHE B 202 -15.06 19.11 4.53
N LEU B 203 -15.00 19.93 3.49
CA LEU B 203 -13.91 19.89 2.49
C LEU B 203 -13.86 18.62 1.57
N PRO B 204 -14.87 18.45 0.71
CA PRO B 204 -14.87 17.34 -0.25
C PRO B 204 -14.10 17.65 -1.53
N ARG B 205 -13.76 18.92 -1.72
CA ARG B 205 -13.00 19.41 -2.88
C ARG B 205 -12.14 20.59 -2.45
N PRO B 206 -10.98 20.79 -3.11
CA PRO B 206 -10.39 20.01 -4.21
C PRO B 206 -10.06 18.57 -3.90
N VAL B 207 -10.05 17.75 -4.94
CA VAL B 207 -9.80 16.33 -4.78
C VAL B 207 -8.29 16.15 -4.69
N PHE B 208 -7.58 16.79 -5.61
CA PHE B 208 -6.14 16.69 -5.74
C PHE B 208 -5.45 18.02 -5.47
N THR B 209 -4.12 18.02 -5.53
CA THR B 209 -3.33 19.23 -5.31
C THR B 209 -3.47 20.14 -6.52
N LYS B 210 -2.88 21.33 -6.42
CA LYS B 210 -2.89 22.32 -7.48
C LYS B 210 -2.17 21.88 -8.75
N MET B 211 -1.30 20.87 -8.65
CA MET B 211 -0.56 20.37 -9.80
C MET B 211 -1.31 19.37 -10.67
N ALA B 212 -2.49 18.96 -10.23
CA ALA B 212 -3.32 18.02 -10.98
C ALA B 212 -3.98 18.74 -12.16
N VAL B 213 -4.22 18.01 -13.25
CA VAL B 213 -4.95 18.57 -14.39
C VAL B 213 -6.44 18.36 -14.22
N TRP B 214 -6.84 17.49 -13.30
CA TRP B 214 -8.24 17.30 -13.00
C TRP B 214 -8.40 17.31 -11.49
N GLY B 215 -9.44 18.00 -11.02
CA GLY B 215 -9.74 18.04 -9.61
C GLY B 215 -8.69 18.80 -8.81
N ASN B 216 -8.06 19.77 -9.46
CA ASN B 216 -6.99 20.54 -8.83
C ASN B 216 -7.57 21.80 -8.23
N LYS B 217 -6.97 22.22 -7.11
CA LYS B 217 -7.23 23.48 -6.35
C LYS B 217 -6.39 23.37 -5.04
#